data_7POH
#
_entry.id   7POH
#
_cell.length_a   99.161
_cell.length_b   99.161
_cell.length_c   117.667
_cell.angle_alpha   90.000
_cell.angle_beta   90.000
_cell.angle_gamma   90.000
#
_symmetry.space_group_name_H-M   'P 43 21 2'
#
loop_
_entity.id
_entity.type
_entity.pdbx_description
1 polymer 'Serendipity locus protein delta'
2 non-polymer 'ZINC ION'
3 water water
#
_entity_poly.entity_id   1
_entity_poly.type   'polypeptide(L)'
_entity_poly.pdbx_seq_one_letter_code
;PEFMDTCFFCGAVDLSDTGSSSSMRYETLSAKVPSSQKTVSLVLTHLANCIQTQLDLKPGARLCPRCFQELSDYDTIMVN
LMTTQKRLTTQLKLDK
;
_entity_poly.pdbx_strand_id   A,B
#
# COMPACT_ATOMS: atom_id res chain seq x y z
N PRO A 1 -31.47 -31.81 8.30
CA PRO A 1 -30.18 -31.45 8.93
C PRO A 1 -29.77 -29.97 8.83
N GLU A 2 -29.62 -29.41 7.61
CA GLU A 2 -28.85 -28.19 7.25
C GLU A 2 -29.30 -26.91 8.01
N PHE A 3 -28.57 -26.53 9.09
CA PHE A 3 -28.40 -25.13 9.63
C PHE A 3 -27.40 -24.39 8.70
N MET A 4 -27.58 -23.06 8.53
CA MET A 4 -27.30 -22.33 7.25
C MET A 4 -26.62 -20.96 7.50
N ASP A 5 -25.51 -20.64 6.82
CA ASP A 5 -24.67 -19.44 7.10
C ASP A 5 -24.89 -18.30 6.10
N THR A 6 -24.70 -17.04 6.53
CA THR A 6 -24.98 -15.80 5.72
C THR A 6 -23.95 -14.69 5.96
N CYS A 7 -23.25 -14.26 4.93
CA CYS A 7 -22.22 -13.20 5.06
C CYS A 7 -22.88 -11.84 5.34
N PHE A 8 -22.41 -11.19 6.40
CA PHE A 8 -22.77 -9.80 6.82
C PHE A 8 -22.29 -8.82 5.71
N PHE A 9 -21.29 -9.16 4.92
CA PHE A 9 -20.76 -8.35 3.81
C PHE A 9 -21.33 -8.84 2.43
N CYS A 10 -22.18 -9.93 2.28
CA CYS A 10 -22.99 -10.34 1.07
C CYS A 10 -24.01 -11.52 1.29
N GLY A 11 -23.83 -12.85 1.08
CA GLY A 11 -24.95 -13.84 1.18
C GLY A 11 -24.49 -15.32 1.33
N ALA A 12 -25.38 -16.28 1.00
CA ALA A 12 -25.82 -17.50 1.76
C ALA A 12 -25.14 -18.79 1.25
N VAL A 13 -24.41 -19.54 2.10
CA VAL A 13 -23.87 -20.94 1.87
C VAL A 13 -24.34 -21.79 3.08
N ASP A 14 -25.01 -22.93 2.85
CA ASP A 14 -25.44 -23.87 3.93
C ASP A 14 -24.18 -24.63 4.46
N LEU A 15 -23.30 -23.88 5.15
CA LEU A 15 -21.86 -24.18 5.45
C LEU A 15 -21.74 -24.89 6.82
N MET A 24 -13.11 -23.76 4.33
CA MET A 24 -14.26 -23.06 3.67
C MET A 24 -15.44 -22.90 4.68
N ARG A 25 -15.08 -22.60 5.95
CA ARG A 25 -16.02 -22.31 7.08
C ARG A 25 -16.09 -20.77 7.28
N TYR A 26 -17.24 -20.24 7.74
CA TYR A 26 -17.50 -18.77 7.92
C TYR A 26 -16.96 -18.28 9.27
N GLU A 27 -16.49 -17.03 9.31
CA GLU A 27 -15.68 -16.46 10.41
C GLU A 27 -16.52 -15.51 11.27
N THR A 28 -16.38 -15.54 12.60
CA THR A 28 -16.87 -14.50 13.55
C THR A 28 -16.06 -13.23 13.32
N LEU A 29 -16.54 -12.08 13.80
CA LEU A 29 -15.80 -10.80 13.63
C LEU A 29 -14.61 -10.67 14.61
N SER A 30 -14.48 -11.55 15.60
CA SER A 30 -13.32 -11.59 16.53
C SER A 30 -12.15 -12.34 15.89
N ALA A 31 -12.35 -12.99 14.73
CA ALA A 31 -11.28 -13.62 13.94
C ALA A 31 -10.20 -12.59 13.61
N LYS A 32 -8.93 -13.00 13.65
CA LYS A 32 -7.78 -12.06 13.52
C LYS A 32 -7.29 -12.10 12.07
N VAL A 33 -7.13 -10.94 11.46
CA VAL A 33 -6.43 -10.83 10.15
C VAL A 33 -4.94 -11.00 10.41
N PRO A 34 -4.21 -11.70 9.51
CA PRO A 34 -2.90 -12.29 9.83
C PRO A 34 -1.75 -11.29 9.94
N SER A 35 -1.67 -10.34 9.01
CA SER A 35 -0.56 -9.37 8.92
C SER A 35 -0.53 -8.53 10.18
N SER A 36 -1.59 -7.87 10.63
CA SER A 36 -1.61 -7.02 11.85
C SER A 36 -1.96 -7.81 13.11
N GLN A 37 -2.58 -8.99 12.96
CA GLN A 37 -3.20 -9.74 14.07
C GLN A 37 -4.23 -8.89 14.81
N LYS A 38 -4.89 -7.93 14.17
CA LYS A 38 -6.04 -7.19 14.77
C LYS A 38 -7.32 -7.89 14.30
N THR A 39 -8.41 -7.71 15.05
CA THR A 39 -9.70 -8.40 14.74
C THR A 39 -10.26 -7.78 13.47
N VAL A 40 -10.98 -8.61 12.73
CA VAL A 40 -11.56 -8.28 11.41
C VAL A 40 -12.73 -7.30 11.63
N SER A 41 -13.30 -7.27 12.83
CA SER A 41 -14.16 -6.16 13.31
C SER A 41 -13.45 -4.82 13.13
N LEU A 42 -12.18 -4.76 13.48
CA LEU A 42 -11.45 -3.47 13.50
C LEU A 42 -11.17 -2.98 12.07
N VAL A 43 -11.03 -3.90 11.14
CA VAL A 43 -10.79 -3.59 9.70
C VAL A 43 -12.11 -3.09 9.11
N LEU A 44 -13.24 -3.60 9.57
CA LEU A 44 -14.59 -3.16 9.11
C LEU A 44 -14.86 -1.77 9.71
N THR A 45 -14.57 -1.51 10.98
CA THR A 45 -14.75 -0.13 11.52
C THR A 45 -13.77 0.82 10.82
N HIS A 46 -12.63 0.32 10.29
CA HIS A 46 -11.71 1.19 9.51
C HIS A 46 -12.39 1.63 8.22
N LEU A 47 -12.98 0.70 7.48
CA LEU A 47 -13.59 1.03 6.18
C LEU A 47 -14.85 1.88 6.38
N ALA A 48 -15.58 1.69 7.49
CA ALA A 48 -16.77 2.52 7.84
C ALA A 48 -16.29 3.95 8.02
N ASN A 49 -15.19 4.09 8.74
CA ASN A 49 -14.52 5.37 9.00
C ASN A 49 -14.09 6.00 7.68
N CYS A 50 -13.55 5.24 6.74
CA CYS A 50 -13.05 5.85 5.46
C CYS A 50 -14.24 6.54 4.73
N ILE A 51 -15.50 6.21 5.04
CA ILE A 51 -16.70 6.79 4.35
C ILE A 51 -17.59 7.45 5.39
N GLN A 52 -17.02 7.87 6.49
CA GLN A 52 -17.69 8.77 7.44
C GLN A 52 -19.00 8.09 7.87
N THR A 53 -19.01 6.79 8.20
CA THR A 53 -20.12 6.16 8.96
C THR A 53 -19.66 5.24 10.09
N GLN A 54 -20.69 5.02 10.94
CA GLN A 54 -20.95 4.05 12.04
C GLN A 54 -21.21 2.71 11.39
N LEU A 55 -20.93 1.61 12.10
CA LEU A 55 -21.49 0.25 11.81
C LEU A 55 -22.14 -0.31 13.06
N ASP A 56 -23.14 -1.16 12.88
CA ASP A 56 -23.70 -1.97 13.98
C ASP A 56 -23.30 -3.41 13.73
N LEU A 57 -22.42 -3.92 14.57
CA LEU A 57 -21.97 -5.34 14.52
C LEU A 57 -22.74 -6.12 15.59
N LYS A 58 -23.83 -6.83 15.23
CA LYS A 58 -24.55 -7.77 16.15
C LYS A 58 -23.55 -8.85 16.53
N PRO A 59 -23.62 -9.46 17.74
CA PRO A 59 -22.84 -10.67 18.01
C PRO A 59 -23.26 -11.91 17.18
N GLY A 60 -24.33 -11.83 16.36
CA GLY A 60 -24.60 -12.80 15.27
C GLY A 60 -23.49 -12.89 14.20
N ALA A 61 -23.07 -11.74 13.67
CA ALA A 61 -22.42 -11.55 12.35
C ALA A 61 -21.34 -12.59 12.08
N ARG A 62 -21.37 -13.18 10.89
CA ARG A 62 -20.32 -14.04 10.29
C ARG A 62 -19.86 -13.48 8.93
N LEU A 63 -18.79 -14.03 8.37
CA LEU A 63 -18.16 -13.64 7.07
C LEU A 63 -17.95 -14.88 6.21
N CYS A 64 -18.32 -14.83 4.94
CA CYS A 64 -17.89 -15.87 3.97
C CYS A 64 -16.36 -15.94 4.03
N PRO A 65 -15.74 -17.05 3.60
CA PRO A 65 -14.30 -17.04 3.37
C PRO A 65 -13.75 -16.04 2.33
N ARG A 66 -14.54 -15.66 1.32
CA ARG A 66 -14.13 -14.77 0.19
C ARG A 66 -13.84 -13.39 0.79
N CYS A 67 -14.80 -12.92 1.58
CA CYS A 67 -14.83 -11.59 2.23
C CYS A 67 -13.71 -11.56 3.26
N PHE A 68 -13.63 -12.58 4.10
CA PHE A 68 -12.53 -12.68 5.11
C PHE A 68 -11.15 -12.50 4.44
N GLN A 69 -11.00 -13.05 3.24
CA GLN A 69 -9.75 -12.99 2.43
C GLN A 69 -9.54 -11.56 1.91
N GLU A 70 -10.60 -10.95 1.34
CA GLU A 70 -10.63 -9.55 0.87
C GLU A 70 -10.11 -8.63 1.97
N LEU A 71 -10.63 -8.83 3.19
CA LEU A 71 -10.40 -7.95 4.36
C LEU A 71 -8.99 -8.19 4.92
N SER A 72 -8.63 -9.47 5.04
CA SER A 72 -7.24 -9.95 5.25
C SER A 72 -6.27 -9.23 4.30
N ASP A 73 -6.56 -9.22 2.99
CA ASP A 73 -5.63 -8.74 1.94
C ASP A 73 -5.45 -7.23 2.04
N TYR A 74 -6.56 -6.52 2.27
CA TYR A 74 -6.56 -5.07 2.58
C TYR A 74 -5.63 -4.81 3.77
N ASP A 75 -5.84 -5.50 4.89
CA ASP A 75 -5.04 -5.25 6.10
C ASP A 75 -3.58 -5.51 5.76
N THR A 76 -3.34 -6.54 4.96
CA THR A 76 -1.99 -6.97 4.53
C THR A 76 -1.41 -5.84 3.70
N ILE A 77 -2.10 -5.31 2.67
CA ILE A 77 -1.63 -4.16 1.85
C ILE A 77 -1.31 -2.98 2.78
N MET A 78 -2.22 -2.65 3.67
CA MET A 78 -2.13 -1.52 4.62
C MET A 78 -0.86 -1.69 5.49
N VAL A 79 -0.54 -2.90 5.93
CA VAL A 79 0.69 -3.15 6.74
C VAL A 79 1.91 -2.95 5.84
N ASN A 80 1.96 -3.58 4.68
CA ASN A 80 3.22 -3.60 3.91
C ASN A 80 3.33 -2.20 3.24
N LEU A 81 2.28 -1.39 3.18
CA LEU A 81 2.42 0.07 2.82
C LEU A 81 3.09 0.84 3.96
N MET A 82 2.62 0.69 5.19
CA MET A 82 3.15 1.43 6.37
C MET A 82 4.61 1.05 6.58
N THR A 83 4.97 -0.23 6.48
CA THR A 83 6.37 -0.64 6.73
C THR A 83 7.25 -0.12 5.58
N THR A 84 6.92 -0.32 4.30
CA THR A 84 7.84 0.20 3.23
C THR A 84 7.89 1.74 3.29
N GLN A 85 6.87 2.40 3.86
CA GLN A 85 6.89 3.88 4.00
C GLN A 85 7.97 4.28 5.00
N LYS A 86 8.10 3.55 6.11
CA LYS A 86 9.12 3.86 7.14
C LYS A 86 10.52 3.53 6.56
N ARG A 87 10.69 2.35 5.93
CA ARG A 87 11.98 2.00 5.30
C ARG A 87 12.42 3.21 4.45
N LEU A 88 11.52 3.79 3.65
CA LEU A 88 11.91 4.83 2.65
C LEU A 88 12.09 6.20 3.32
N THR A 89 11.24 6.58 4.26
CA THR A 89 11.39 7.90 4.91
C THR A 89 12.68 7.86 5.73
N THR A 90 13.00 6.77 6.46
CA THR A 90 14.21 6.78 7.34
C THR A 90 15.50 6.83 6.50
N GLN A 91 15.45 6.24 5.32
CA GLN A 91 16.46 6.37 4.24
C GLN A 91 16.60 7.83 3.82
N LEU A 92 15.50 8.51 3.56
CA LEU A 92 15.54 9.94 3.18
C LEU A 92 16.29 10.76 4.22
N LYS A 93 16.11 10.51 5.53
CA LYS A 93 16.74 11.24 6.68
C LYS A 93 18.26 11.06 6.69
N LEU A 94 18.78 9.88 6.29
CA LEU A 94 20.21 9.45 6.26
C LEU A 94 21.17 10.39 5.49
N ASP A 95 22.50 10.11 5.62
CA ASP A 95 23.70 10.86 5.10
C ASP A 95 24.46 10.09 3.94
N LYS A 96 25.37 10.80 3.22
CA LYS A 96 25.73 10.64 1.77
C LYS A 96 24.48 10.29 0.90
N PRO B 1 31.32 8.62 -23.34
CA PRO B 1 30.82 9.29 -22.13
C PRO B 1 31.89 9.89 -21.16
N GLU B 2 32.58 9.09 -20.31
CA GLU B 2 33.39 9.42 -19.07
C GLU B 2 32.46 9.36 -17.82
N PHE B 3 31.16 9.77 -18.00
CA PHE B 3 29.84 9.30 -17.43
C PHE B 3 29.81 8.88 -15.96
N MET B 4 29.59 9.82 -15.03
CA MET B 4 29.55 9.64 -13.55
C MET B 4 28.18 10.14 -13.04
N ASP B 5 27.27 9.22 -12.77
CA ASP B 5 25.91 9.47 -12.21
C ASP B 5 25.88 9.15 -10.71
N THR B 6 25.26 10.00 -9.91
CA THR B 6 25.14 9.86 -8.43
C THR B 6 23.68 9.85 -8.03
N CYS B 7 23.30 8.86 -7.23
CA CYS B 7 21.90 8.61 -6.81
C CYS B 7 21.52 9.64 -5.75
N PHE B 8 20.40 10.34 -5.96
CA PHE B 8 19.85 11.37 -5.03
C PHE B 8 19.47 10.73 -3.68
N PHE B 9 19.23 9.42 -3.63
CA PHE B 9 18.45 8.82 -2.52
C PHE B 9 19.30 7.85 -1.70
N CYS B 10 20.30 7.21 -2.30
CA CYS B 10 21.29 6.36 -1.60
C CYS B 10 22.72 6.93 -1.70
N GLY B 11 23.00 7.76 -2.69
CA GLY B 11 24.35 8.28 -2.95
C GLY B 11 25.27 7.30 -3.67
N ALA B 12 24.78 6.22 -4.27
CA ALA B 12 25.61 5.31 -5.10
C ALA B 12 26.16 6.13 -6.26
N VAL B 13 27.44 5.97 -6.61
CA VAL B 13 27.97 6.52 -7.90
C VAL B 13 28.23 5.33 -8.79
N ASP B 14 27.96 5.56 -10.08
CA ASP B 14 28.23 4.61 -11.18
C ASP B 14 29.25 5.30 -12.11
N LEU B 15 30.31 4.60 -12.54
CA LEU B 15 31.39 5.15 -13.42
C LEU B 15 31.50 4.32 -14.72
N SER B 16 31.17 4.93 -15.88
CA SER B 16 30.71 4.30 -17.15
C SER B 16 31.61 4.78 -18.31
N ASP B 17 32.11 3.86 -19.14
CA ASP B 17 33.04 4.14 -20.29
C ASP B 17 34.24 4.96 -19.78
N SER B 21 27.73 1.45 -22.42
CA SER B 21 28.24 1.00 -21.09
C SER B 21 27.40 -0.20 -20.58
N SER B 22 26.15 -0.01 -20.12
CA SER B 22 25.31 -1.01 -19.37
C SER B 22 23.87 -1.14 -19.94
N SER B 23 22.94 -1.86 -19.27
CA SER B 23 21.50 -2.07 -19.66
C SER B 23 20.62 -1.02 -18.95
N MET B 24 19.58 -1.39 -18.15
CA MET B 24 18.68 -0.47 -17.35
C MET B 24 19.49 0.25 -16.24
N ARG B 25 19.77 1.57 -16.42
CA ARG B 25 20.70 2.42 -15.62
C ARG B 25 19.98 3.66 -15.08
N TYR B 26 20.66 4.76 -14.76
CA TYR B 26 20.14 5.75 -13.77
C TYR B 26 18.97 6.50 -14.40
N GLU B 27 18.06 7.09 -13.60
CA GLU B 27 16.77 7.68 -14.10
C GLU B 27 16.68 9.15 -13.67
N THR B 28 16.22 10.06 -14.56
CA THR B 28 15.83 11.45 -14.19
C THR B 28 14.67 11.36 -13.20
N LEU B 29 14.40 12.41 -12.41
CA LEU B 29 13.24 12.45 -11.48
C LEU B 29 11.90 12.69 -12.23
N SER B 30 11.95 12.78 -13.56
CA SER B 30 10.75 12.88 -14.43
C SER B 30 10.31 11.51 -14.95
N ALA B 31 11.15 10.49 -14.79
CA ALA B 31 10.81 9.11 -15.16
C ALA B 31 9.57 8.76 -14.38
N LYS B 32 8.59 8.14 -15.04
CA LYS B 32 7.26 7.86 -14.45
C LYS B 32 7.33 6.50 -13.75
N VAL B 33 6.69 6.41 -12.59
CA VAL B 33 6.53 5.13 -11.85
C VAL B 33 5.41 4.36 -12.52
N PRO B 34 5.53 3.02 -12.65
CA PRO B 34 4.88 2.31 -13.74
C PRO B 34 3.37 2.27 -13.49
N SER B 35 2.97 1.90 -12.28
CA SER B 35 1.61 1.42 -11.99
C SER B 35 0.81 2.61 -11.44
N SER B 36 0.87 3.79 -12.05
CA SER B 36 0.27 5.03 -11.48
C SER B 36 0.65 6.26 -12.32
N GLN B 37 1.90 6.30 -12.78
CA GLN B 37 2.33 7.25 -13.83
C GLN B 37 2.41 8.66 -13.25
N LYS B 38 2.32 8.85 -11.91
CA LYS B 38 2.92 10.04 -11.26
C LYS B 38 4.43 10.00 -11.58
N THR B 39 5.03 11.17 -11.52
CA THR B 39 6.47 11.34 -11.78
C THR B 39 7.16 11.04 -10.45
N VAL B 40 8.31 10.37 -10.51
CA VAL B 40 8.99 9.82 -9.32
C VAL B 40 9.41 10.97 -8.37
N SER B 41 9.64 12.17 -8.89
CA SER B 41 9.71 13.39 -8.05
C SER B 41 8.47 13.48 -7.13
N LEU B 42 7.25 13.23 -7.63
CA LEU B 42 6.00 13.32 -6.81
C LEU B 42 6.06 12.30 -5.68
N VAL B 43 6.44 11.06 -5.99
CA VAL B 43 6.62 9.98 -4.99
C VAL B 43 7.57 10.47 -3.88
N LEU B 44 8.69 11.11 -4.23
CA LEU B 44 9.68 11.67 -3.23
C LEU B 44 9.08 12.84 -2.46
N THR B 45 8.45 13.82 -3.15
CA THR B 45 7.83 14.99 -2.47
C THR B 45 6.81 14.41 -1.46
N HIS B 46 6.06 13.37 -1.87
CA HIS B 46 5.16 12.63 -0.96
C HIS B 46 5.93 12.14 0.29
N LEU B 47 7.04 11.44 0.10
CA LEU B 47 7.78 10.84 1.25
C LEU B 47 8.34 11.95 2.15
N ALA B 48 8.71 13.10 1.60
CA ALA B 48 9.23 14.23 2.42
C ALA B 48 8.09 14.69 3.32
N ASN B 49 6.88 14.87 2.74
CA ASN B 49 5.67 15.28 3.52
C ASN B 49 5.57 14.37 4.73
N CYS B 50 5.62 13.05 4.53
CA CYS B 50 5.38 12.08 5.62
C CYS B 50 6.24 12.41 6.85
N ILE B 51 7.42 13.01 6.73
CA ILE B 51 8.28 13.37 7.91
C ILE B 51 8.41 14.90 8.02
N GLN B 52 7.32 15.62 7.68
CA GLN B 52 7.16 17.09 7.58
C GLN B 52 8.54 17.70 7.31
N THR B 53 9.14 17.30 6.19
CA THR B 53 10.28 18.00 5.53
C THR B 53 9.91 18.21 4.06
N GLN B 54 10.80 18.86 3.32
CA GLN B 54 10.69 19.11 1.86
C GLN B 54 12.12 19.16 1.32
N LEU B 55 12.27 19.10 0.00
CA LEU B 55 13.54 18.77 -0.69
C LEU B 55 13.81 19.83 -1.75
N ASP B 56 15.08 20.17 -1.93
CA ASP B 56 15.61 20.81 -3.15
C ASP B 56 15.83 19.67 -4.17
N LEU B 57 14.94 19.55 -5.15
CA LEU B 57 15.18 18.71 -6.35
C LEU B 57 15.94 19.58 -7.34
N LYS B 58 17.28 19.68 -7.14
CA LYS B 58 18.22 20.40 -8.06
C LYS B 58 18.13 19.71 -9.41
N PRO B 59 18.29 20.45 -10.53
CA PRO B 59 17.58 20.14 -11.77
C PRO B 59 18.22 19.03 -12.63
N GLY B 60 19.45 18.61 -12.32
CA GLY B 60 20.09 17.42 -12.93
C GLY B 60 20.20 16.20 -12.02
N ALA B 61 19.40 16.09 -10.94
CA ALA B 61 19.35 14.93 -10.01
C ALA B 61 19.11 13.60 -10.74
N ARG B 62 19.41 12.50 -10.10
CA ARG B 62 19.38 11.16 -10.74
C ARG B 62 19.08 10.06 -9.70
N LEU B 63 18.68 8.86 -10.14
CA LEU B 63 18.38 7.72 -9.24
C LEU B 63 19.02 6.43 -9.74
N CYS B 64 19.62 5.67 -8.83
CA CYS B 64 20.12 4.32 -9.14
C CYS B 64 18.87 3.50 -9.47
N PRO B 65 18.96 2.50 -10.37
CA PRO B 65 17.87 1.56 -10.60
C PRO B 65 17.15 1.05 -9.35
N ARG B 66 17.93 0.58 -8.36
CA ARG B 66 17.44 -0.10 -7.15
C ARG B 66 16.53 0.85 -6.39
N CYS B 67 16.95 2.10 -6.25
CA CYS B 67 16.11 3.11 -5.53
C CYS B 67 14.85 3.35 -6.37
N PHE B 68 15.01 3.46 -7.69
CA PHE B 68 13.88 3.67 -8.64
C PHE B 68 12.93 2.47 -8.57
N GLN B 69 13.48 1.27 -8.55
CA GLN B 69 12.65 0.08 -8.33
C GLN B 69 11.88 0.25 -7.02
N GLU B 70 12.54 0.67 -5.94
CA GLU B 70 11.97 0.65 -4.57
C GLU B 70 10.83 1.69 -4.48
N LEU B 71 11.03 2.88 -5.03
CA LEU B 71 9.96 3.91 -5.13
C LEU B 71 8.84 3.43 -6.06
N SER B 72 9.17 2.78 -7.19
CA SER B 72 8.19 2.17 -8.13
C SER B 72 7.25 1.25 -7.34
N ASP B 73 7.80 0.39 -6.49
CA ASP B 73 7.01 -0.61 -5.72
C ASP B 73 6.18 0.03 -4.61
N TYR B 74 6.67 1.04 -3.94
CA TYR B 74 5.85 1.76 -2.94
C TYR B 74 4.62 2.26 -3.67
N ASP B 75 4.86 2.85 -4.85
CA ASP B 75 3.79 3.44 -5.68
C ASP B 75 2.80 2.32 -6.03
N THR B 76 3.33 1.18 -6.45
CA THR B 76 2.51 -0.02 -6.75
C THR B 76 1.65 -0.43 -5.55
N ILE B 77 2.19 -0.42 -4.31
CA ILE B 77 1.43 -0.79 -3.08
C ILE B 77 0.31 0.22 -2.82
N MET B 78 0.67 1.51 -2.75
CA MET B 78 -0.30 2.61 -2.60
C MET B 78 -1.46 2.43 -3.61
N VAL B 79 -1.21 2.01 -4.86
CA VAL B 79 -2.28 1.83 -5.88
C VAL B 79 -3.20 0.65 -5.52
N ASN B 80 -2.60 -0.44 -5.04
CA ASN B 80 -3.38 -1.59 -4.56
C ASN B 80 -4.17 -1.17 -3.32
N LEU B 81 -3.68 -0.24 -2.51
CA LEU B 81 -4.52 0.36 -1.44
C LEU B 81 -5.65 1.17 -2.09
N MET B 82 -5.37 2.12 -3.00
CA MET B 82 -6.39 3.03 -3.61
C MET B 82 -7.56 2.14 -4.03
N THR B 83 -7.28 1.09 -4.81
CA THR B 83 -8.33 0.36 -5.59
C THR B 83 -9.07 -0.60 -4.66
N THR B 84 -8.31 -1.31 -3.80
CA THR B 84 -8.90 -2.25 -2.82
C THR B 84 -9.87 -1.49 -1.93
N GLN B 85 -9.43 -0.32 -1.46
CA GLN B 85 -10.30 0.56 -0.64
C GLN B 85 -11.53 1.03 -1.46
N LYS B 86 -11.44 1.49 -2.74
CA LYS B 86 -12.69 1.89 -3.49
C LYS B 86 -13.60 0.66 -3.44
N ARG B 87 -13.09 -0.56 -3.65
CA ARG B 87 -13.95 -1.77 -3.76
C ARG B 87 -14.71 -2.04 -2.46
N LEU B 88 -14.01 -2.21 -1.34
CA LEU B 88 -14.58 -2.71 -0.05
C LEU B 88 -15.52 -1.68 0.60
N THR B 89 -15.22 -0.38 0.49
CA THR B 89 -16.14 0.70 0.97
C THR B 89 -17.40 0.70 0.08
N THR B 90 -17.25 0.73 -1.25
CA THR B 90 -18.39 0.55 -2.16
C THR B 90 -19.20 -0.66 -1.68
N GLN B 91 -18.55 -1.78 -1.35
CA GLN B 91 -19.21 -3.01 -0.88
C GLN B 91 -20.03 -2.65 0.36
N LEU B 92 -19.40 -1.97 1.32
CA LEU B 92 -20.07 -1.55 2.57
C LEU B 92 -21.32 -0.68 2.33
N LYS B 93 -21.36 0.10 1.25
CA LYS B 93 -22.47 1.04 0.95
C LYS B 93 -23.73 0.27 0.55
N LEU B 94 -23.60 -0.95 0.05
CA LEU B 94 -24.76 -1.76 -0.41
C LEU B 94 -25.70 -2.12 0.73
N ASP B 95 -25.25 -2.12 2.01
CA ASP B 95 -26.06 -2.28 3.26
C ASP B 95 -25.95 -3.74 3.75
#